data_8A3Q
#
_entry.id   8A3Q
#
_cell.length_a   63.438
_cell.length_b   79.018
_cell.length_c   49.875
_cell.angle_alpha   90
_cell.angle_beta   90
_cell.angle_gamma   90
#
_symmetry.space_group_name_H-M   'P 21 21 2'
#
loop_
_entity.id
_entity.type
_entity.pdbx_description
1 polymer 'Plasma kallikrein'
2 non-polymer 'UNKNOWN LIGAND'
3 non-polymer '2-(N-MORPHOLINO)-ETHANESULFONIC ACID'
4 non-polymer 2-acetamido-2-deoxy-beta-D-glucopyranose
5 water water
#
_entity_poly.entity_id   1
_entity_poly.type   'polypeptide(L)'
_entity_poly.pdbx_seq_one_letter_code
;NTGDNSVSTTKTSTRIVGGTNSSWGEWPWQVSLQVKLTAQRHLCGGSLIGHQWVLTAAHCFDGLPLQDVWRIYSGILNLS
DITKDTPFSQIKEIIIHQNYKVSEGNHDIALIKLQAPLNYTEFQKPISLPSKGDTSTIYTNCWVTGWGFSKEKGEIQNIL
QKVNIPLVTNEECQKRYQDYKITQRMVCAGYKEGGKDACKGDSGGPLVCKHNGMWRLVGITSWGEGCARREQPGVYTKVA
EYMDWILEKTQSSDGKAQMQSPA
;
_entity_poly.pdbx_strand_id   A
#
loop_
_chem_comp.id
_chem_comp.type
_chem_comp.name
_chem_comp.formula
MES non-polymer '2-(N-MORPHOLINO)-ETHANESULFONIC ACID' 'C6 H13 N O4 S'
NAG D-saccharide, beta linking 2-acetamido-2-deoxy-beta-D-glucopyranose 'C8 H15 N O6'
UNL non-polymer 'UNKNOWN LIGAND' ?
#
# COMPACT_ATOMS: atom_id res chain seq x y z
N ILE A 16 2.83 -8.49 -7.55
CA ILE A 16 3.44 -7.66 -8.59
C ILE A 16 3.59 -8.50 -9.85
N VAL A 17 3.00 -8.04 -10.96
CA VAL A 17 3.08 -8.71 -12.25
C VAL A 17 4.17 -8.02 -13.09
N GLY A 18 5.05 -8.81 -13.68
CA GLY A 18 6.13 -8.29 -14.52
C GLY A 18 7.23 -7.57 -13.76
N GLY A 19 7.40 -7.90 -12.49
CA GLY A 19 8.40 -7.25 -11.66
C GLY A 19 9.66 -8.07 -11.46
N THR A 20 10.55 -7.55 -10.61
CA THR A 20 11.85 -8.18 -10.30
C THR A 20 12.07 -8.22 -8.77
N ASN A 21 12.99 -9.07 -8.30
CA ASN A 21 13.33 -9.17 -6.89
C ASN A 21 13.90 -7.86 -6.36
N SER A 22 13.59 -7.50 -5.11
CA SER A 22 14.12 -6.28 -4.51
C SER A 22 15.32 -6.59 -3.59
N SER A 23 16.05 -5.56 -3.17
CA SER A 23 17.22 -5.75 -2.33
C SER A 23 17.03 -5.23 -0.91
N TRP A 24 17.80 -5.77 0.05
CA TRP A 24 17.79 -5.35 1.45
C TRP A 24 18.08 -3.85 1.57
N GLY A 25 17.08 -3.09 2.01
CA GLY A 25 17.22 -1.65 2.20
C GLY A 25 16.69 -0.80 1.06
N GLU A 26 16.21 -1.43 -0.03
CA GLU A 26 15.70 -0.71 -1.20
C GLU A 26 14.34 -0.01 -0.96
N TRP A 27 13.40 -0.70 -0.28
CA TRP A 27 12.09 -0.13 0.05
C TRP A 27 11.91 -0.38 1.55
N PRO A 28 12.62 0.40 2.40
CA PRO A 28 12.63 0.10 3.85
C PRO A 28 11.34 0.40 4.60
N TRP A 29 10.37 1.03 3.93
CA TRP A 29 9.05 1.40 4.47
C TRP A 29 7.99 0.30 4.28
N GLN A 30 8.21 -0.61 3.31
CA GLN A 30 7.29 -1.69 3.02
C GLN A 30 7.12 -2.62 4.22
N VAL A 31 5.88 -2.86 4.64
CA VAL A 31 5.56 -3.82 5.70
C VAL A 31 4.62 -4.89 5.16
N SER A 32 4.49 -6.02 5.90
CA SER A 32 3.57 -7.10 5.58
C SER A 32 2.53 -7.19 6.69
N LEU A 33 1.26 -7.17 6.31
CA LEU A 33 0.12 -7.25 7.18
C LEU A 33 -0.37 -8.64 7.09
N GLN A 34 -0.24 -9.41 8.18
CA GLN A 34 -0.65 -10.81 8.18
C GLN A 34 -1.73 -11.11 9.19
N VAL A 35 -2.64 -12.02 8.85
CA VAL A 35 -3.71 -12.45 9.75
CA VAL A 35 -3.69 -12.42 9.76
C VAL A 35 -3.35 -13.80 10.34
N LYS A 36 -3.62 -14.01 11.63
CA LYS A 36 -3.32 -15.30 12.27
C LYS A 36 -4.63 -15.92 12.73
N LEU A 37 -5.24 -16.74 11.87
CA LEU A 37 -6.50 -17.41 12.15
C LEU A 37 -6.18 -18.90 12.42
N THR A 38 -6.54 -19.85 11.52
CA THR A 38 -6.13 -21.26 11.71
C THR A 38 -4.63 -21.37 11.32
N ALA A 39 -4.21 -20.62 10.30
CA ALA A 39 -2.82 -20.50 9.84
C ALA A 39 -2.48 -18.99 9.71
N GLN A 40 -1.20 -18.65 9.61
CA GLN A 40 -0.79 -17.27 9.47
C GLN A 40 -0.52 -17.01 8.00
N ARG A 41 -1.13 -15.97 7.44
CA ARG A 41 -0.97 -15.65 6.03
C ARG A 41 -0.80 -14.16 5.82
N HIS A 42 -0.02 -13.79 4.83
CA HIS A 42 0.13 -12.41 4.42
C HIS A 42 -1.16 -12.06 3.70
N LEU A 43 -1.79 -10.93 4.07
CA LEU A 43 -2.99 -10.51 3.35
C LEU A 43 -2.72 -9.22 2.60
N CYS A 44 -1.99 -8.28 3.21
CA CYS A 44 -1.79 -6.98 2.58
C CYS A 44 -0.40 -6.40 2.78
N GLY A 45 -0.03 -5.45 1.95
CA GLY A 45 1.14 -4.63 2.16
C GLY A 45 0.71 -3.39 2.95
N GLY A 46 1.68 -2.59 3.31
CA GLY A 46 1.49 -1.32 4.02
C GLY A 46 2.78 -0.53 3.98
N SER A 47 2.73 0.78 4.32
CA SER A 47 3.92 1.62 4.39
C SER A 47 4.09 2.20 5.79
N LEU A 48 5.29 2.08 6.33
CA LEU A 48 5.65 2.70 7.60
C LEU A 48 5.83 4.20 7.30
N ILE A 49 5.14 5.04 8.05
CA ILE A 49 5.19 6.51 7.88
C ILE A 49 5.69 7.24 9.13
N GLY A 50 5.80 6.54 10.23
CA GLY A 50 6.30 7.06 11.49
C GLY A 50 6.78 5.92 12.36
N HIS A 51 7.29 6.24 13.55
CA HIS A 51 7.72 5.21 14.49
C HIS A 51 6.53 4.31 14.89
N GLN A 52 5.35 4.90 15.05
CA GLN A 52 4.16 4.20 15.49
C GLN A 52 3.02 4.12 14.45
N TRP A 53 3.25 4.52 13.20
CA TRP A 53 2.17 4.54 12.22
C TRP A 53 2.48 3.84 10.90
N VAL A 54 1.50 3.08 10.42
CA VAL A 54 1.52 2.39 9.15
C VAL A 54 0.29 2.83 8.36
N LEU A 55 0.45 3.05 7.05
CA LEU A 55 -0.63 3.45 6.19
C LEU A 55 -0.96 2.23 5.31
N THR A 56 -2.26 1.86 5.22
CA THR A 56 -2.64 0.68 4.44
C THR A 56 -4.03 0.91 3.77
N ALA A 57 -4.58 -0.11 3.05
CA ALA A 57 -5.87 0.07 2.42
C ALA A 57 -6.96 -0.42 3.35
N ALA A 58 -8.05 0.35 3.48
CA ALA A 58 -9.19 -0.06 4.31
C ALA A 58 -9.76 -1.44 3.90
N HIS A 59 -9.75 -1.81 2.60
CA HIS A 59 -10.36 -3.08 2.18
C HIS A 59 -9.66 -4.31 2.71
N CYS A 60 -8.44 -4.17 3.23
CA CYS A 60 -7.70 -5.27 3.88
C CYS A 60 -8.42 -5.83 5.10
N PHE A 61 -9.24 -4.99 5.76
CA PHE A 61 -9.94 -5.37 6.98
C PHE A 61 -11.37 -5.87 6.76
N ASP A 62 -11.85 -6.02 5.51
CA ASP A 62 -13.25 -6.47 5.27
C ASP A 62 -13.50 -7.90 5.81
N GLY A 63 -14.56 -8.08 6.60
CA GLY A 63 -14.90 -9.38 7.15
C GLY A 63 -14.03 -9.88 8.28
N LEU A 64 -13.20 -8.99 8.85
CA LEU A 64 -12.29 -9.38 9.94
C LEU A 64 -12.40 -8.44 11.10
N PRO A 65 -12.18 -8.91 12.33
CA PRO A 65 -12.14 -7.98 13.47
C PRO A 65 -10.88 -7.12 13.38
N LEU A 66 -10.94 -5.97 14.03
CA LEU A 66 -9.78 -5.08 14.10
C LEU A 66 -8.78 -5.57 15.21
N GLN A 67 -9.28 -6.37 16.15
CA GLN A 67 -8.54 -6.84 17.29
C GLN A 67 -7.91 -8.20 17.09
N ASP A 68 -6.82 -8.44 17.86
CA ASP A 68 -6.06 -9.66 18.08
C ASP A 68 -5.41 -10.40 16.90
N VAL A 69 -6.09 -10.54 15.76
CA VAL A 69 -5.61 -11.37 14.65
C VAL A 69 -4.48 -10.80 13.79
N TRP A 70 -4.11 -9.52 13.94
CA TRP A 70 -3.10 -8.96 13.06
C TRP A 70 -1.67 -8.96 13.55
N ARG A 71 -0.74 -9.21 12.63
CA ARG A 71 0.68 -9.09 12.93
C ARG A 71 1.31 -8.28 11.81
N ILE A 72 2.14 -7.29 12.17
CA ILE A 72 2.83 -6.46 11.17
C ILE A 72 4.30 -6.75 11.13
N TYR A 73 4.81 -7.12 9.95
CA TYR A 73 6.24 -7.40 9.79
C TYR A 73 6.94 -6.31 9.03
N SER A 74 8.06 -5.86 9.56
CA SER A 74 8.86 -4.80 8.93
C SER A 74 10.33 -5.18 8.94
N GLY A 75 11.10 -4.61 8.02
CA GLY A 75 12.52 -4.94 7.93
C GLY A 75 12.73 -6.36 7.43
N ILE A 76 11.84 -6.81 6.55
CA ILE A 76 11.87 -8.15 6.01
C ILE A 76 11.80 -8.09 4.49
N LEU A 77 12.56 -8.97 3.82
CA LEU A 77 12.62 -9.00 2.36
C LEU A 77 11.89 -10.23 1.81
N ASN A 78 12.09 -11.39 2.46
CA ASN A 78 11.52 -12.65 2.04
C ASN A 78 10.52 -13.15 3.10
N LEU A 79 9.30 -13.51 2.67
CA LEU A 79 8.23 -13.94 3.57
C LEU A 79 8.48 -15.29 4.21
N SER A 80 9.18 -16.20 3.50
CA SER A 80 9.51 -17.52 4.04
C SER A 80 10.51 -17.46 5.21
N ASP A 81 11.20 -16.34 5.41
CA ASP A 81 12.10 -16.17 6.56
C ASP A 81 11.35 -15.93 7.87
N ILE A 82 10.02 -15.70 7.82
CA ILE A 82 9.21 -15.44 8.99
C ILE A 82 8.82 -16.74 9.66
N THR A 83 9.25 -16.89 10.90
CA THR A 83 8.90 -18.03 11.74
C THR A 83 8.26 -17.45 13.04
N LYS A 84 7.92 -18.30 14.02
CA LYS A 84 7.39 -17.84 15.30
C LYS A 84 8.45 -16.98 16.08
N ASP A 85 9.75 -17.05 15.69
CA ASP A 85 10.80 -16.26 16.32
C ASP A 85 10.82 -14.82 15.80
N THR A 86 10.39 -14.60 14.54
CA THR A 86 10.46 -13.28 13.95
C THR A 86 9.67 -12.22 14.71
N PRO A 87 10.32 -11.12 15.11
CA PRO A 87 9.60 -10.07 15.84
C PRO A 87 8.57 -9.41 14.92
N PHE A 88 7.44 -9.06 15.48
CA PHE A 88 6.37 -8.40 14.74
C PHE A 88 5.84 -7.23 15.56
N SER A 89 5.08 -6.36 14.91
CA SER A 89 4.41 -5.26 15.55
C SER A 89 2.94 -5.64 15.73
N GLN A 90 2.33 -5.25 16.82
CA GLN A 90 0.90 -5.49 17.06
C GLN A 90 0.10 -4.19 16.84
N ILE A 91 -1.21 -4.32 16.63
CA ILE A 91 -2.07 -3.16 16.43
C ILE A 91 -2.63 -2.58 17.74
N LYS A 92 -2.48 -1.28 17.93
CA LYS A 92 -3.08 -0.59 19.05
C LYS A 92 -4.43 -0.02 18.60
N GLU A 93 -4.51 0.48 17.37
CA GLU A 93 -5.73 1.05 16.82
C GLU A 93 -5.70 0.98 15.30
N ILE A 94 -6.88 0.83 14.68
CA ILE A 94 -7.07 0.86 13.23
C ILE A 94 -8.07 1.97 12.94
N ILE A 95 -7.67 2.93 12.12
CA ILE A 95 -8.53 4.04 11.76
C ILE A 95 -8.86 3.92 10.28
N ILE A 96 -10.05 3.44 9.98
CA ILE A 96 -10.50 3.30 8.60
C ILE A 96 -11.21 4.62 8.24
N HIS A 97 -11.02 5.15 7.01
CA HIS A 97 -11.68 6.38 6.60
C HIS A 97 -13.21 6.32 6.85
N GLN A 98 -13.80 7.35 7.50
CA GLN A 98 -15.21 7.34 7.86
C GLN A 98 -16.17 7.11 6.67
N ASN A 99 -15.74 7.48 5.45
CA ASN A 99 -16.56 7.33 4.25
C ASN A 99 -16.30 6.06 3.43
N TYR A 100 -15.40 5.21 3.91
CA TYR A 100 -15.13 3.94 3.27
C TYR A 100 -16.34 3.03 3.55
N LYS A 101 -16.75 2.26 2.52
CA LYS A 101 -17.83 1.32 2.62
C LYS A 101 -17.27 -0.03 2.22
N VAL A 102 -17.44 -1.07 3.07
CA VAL A 102 -16.96 -2.44 2.82
C VAL A 102 -17.41 -2.94 1.43
N SER A 103 -16.48 -3.55 0.66
CA SER A 103 -16.67 -4.12 -0.69
C SER A 103 -16.81 -3.05 -1.81
N GLU A 104 -16.71 -1.75 -1.47
CA GLU A 104 -16.71 -0.66 -2.44
C GLU A 104 -15.29 -0.01 -2.56
N GLY A 105 -15.08 0.86 -3.55
CA GLY A 105 -13.75 1.44 -3.82
C GLY A 105 -13.31 2.75 -3.20
N ASN A 106 -14.25 3.65 -2.95
CA ASN A 106 -13.92 4.98 -2.45
C ASN A 106 -13.26 4.99 -1.10
N HIS A 107 -12.31 5.90 -0.91
CA HIS A 107 -11.65 6.10 0.38
C HIS A 107 -11.03 4.85 0.94
N ASP A 108 -10.40 4.05 0.08
CA ASP A 108 -9.78 2.82 0.49
C ASP A 108 -8.46 3.16 1.20
N ILE A 109 -8.55 3.56 2.45
CA ILE A 109 -7.37 4.00 3.21
C ILE A 109 -7.61 3.78 4.67
N ALA A 110 -6.57 3.37 5.38
CA ALA A 110 -6.64 3.16 6.80
C ALA A 110 -5.26 3.41 7.42
N LEU A 111 -5.26 3.86 8.66
CA LEU A 111 -4.05 4.04 9.41
C LEU A 111 -4.06 2.96 10.48
N ILE A 112 -2.89 2.43 10.75
CA ILE A 112 -2.69 1.48 11.81
C ILE A 112 -1.69 2.11 12.80
N LYS A 113 -2.11 2.22 14.05
CA LYS A 113 -1.22 2.70 15.11
C LYS A 113 -0.60 1.47 15.77
N LEU A 114 0.72 1.43 15.88
CA LEU A 114 1.43 0.30 16.47
C LEU A 114 1.41 0.35 17.99
N GLN A 115 1.47 -0.83 18.63
CA GLN A 115 1.49 -0.90 20.10
C GLN A 115 2.82 -0.35 20.67
N ALA A 116 3.92 -0.46 19.90
CA ALA A 116 5.21 0.05 20.32
C ALA A 116 5.90 0.75 19.15
N PRO A 117 6.69 1.80 19.40
CA PRO A 117 7.42 2.46 18.30
C PRO A 117 8.50 1.54 17.69
N LEU A 118 8.79 1.72 16.41
CA LEU A 118 9.80 0.93 15.73
C LEU A 118 11.03 1.83 15.57
N ASN A 119 12.23 1.29 15.88
CA ASN A 119 13.46 2.06 15.72
C ASN A 119 13.86 2.02 14.25
N TYR A 120 14.35 3.14 13.74
CA TYR A 120 14.75 3.23 12.34
C TYR A 120 16.15 2.66 12.06
N THR A 121 16.25 1.75 11.11
CA THR A 121 17.50 1.22 10.61
C THR A 121 17.55 1.51 9.08
N GLU A 122 18.61 1.07 8.36
CA GLU A 122 18.67 1.24 6.91
C GLU A 122 17.70 0.25 6.17
N PHE A 123 17.12 -0.69 6.91
CA PHE A 123 16.18 -1.72 6.45
C PHE A 123 14.73 -1.47 6.95
N GLN A 124 14.55 -0.53 7.88
CA GLN A 124 13.28 -0.24 8.50
C GLN A 124 13.18 1.26 8.75
N LYS A 125 12.62 2.01 7.82
CA LYS A 125 12.53 3.48 7.97
C LYS A 125 11.32 4.03 7.21
N PRO A 126 10.77 5.20 7.57
CA PRO A 126 9.52 5.64 6.93
C PRO A 126 9.66 6.23 5.55
N ILE A 127 8.57 6.23 4.83
CA ILE A 127 8.49 6.88 3.54
C ILE A 127 7.97 8.30 3.78
N SER A 128 8.55 9.29 3.08
CA SER A 128 8.11 10.67 3.22
C SER A 128 6.72 10.83 2.64
N LEU A 129 5.89 11.60 3.31
CA LEU A 129 4.55 11.87 2.82
C LEU A 129 4.57 13.12 1.92
N PRO A 130 3.73 13.16 0.88
CA PRO A 130 3.64 14.36 0.06
C PRO A 130 2.86 15.46 0.82
N SER A 131 2.73 16.66 0.22
CA SER A 131 1.90 17.72 0.80
C SER A 131 0.55 17.67 0.08
N LYS A 132 -0.50 18.23 0.69
CA LYS A 132 -1.83 18.30 0.08
C LYS A 132 -1.75 19.06 -1.28
N GLY A 133 -0.90 20.08 -1.36
CA GLY A 133 -0.67 20.85 -2.56
C GLY A 133 -0.02 20.07 -3.69
N ASP A 134 0.69 18.95 -3.35
CA ASP A 134 1.34 18.08 -4.34
C ASP A 134 0.37 17.28 -5.19
N THR A 135 -0.95 17.56 -5.11
CA THR A 135 -1.94 16.83 -5.90
C THR A 135 -1.77 17.12 -7.41
N SER A 136 -1.43 18.36 -7.75
CA SER A 136 -1.20 18.86 -9.11
C SER A 136 0.08 18.33 -9.77
N THR A 137 0.98 17.70 -9.00
CA THR A 137 2.25 17.20 -9.52
C THR A 137 2.11 15.93 -10.35
N ILE A 138 2.74 15.88 -11.53
CA ILE A 138 2.75 14.71 -12.40
C ILE A 138 4.11 14.03 -12.22
N TYR A 139 4.17 12.92 -11.49
CA TYR A 139 5.43 12.23 -11.25
C TYR A 139 5.91 11.43 -12.46
N THR A 140 7.21 11.07 -12.50
CA THR A 140 7.75 10.36 -13.68
C THR A 140 8.56 9.11 -13.34
N ASN A 141 9.07 8.97 -12.12
CA ASN A 141 9.84 7.77 -11.74
C ASN A 141 9.12 7.04 -10.61
N CYS A 142 8.05 6.29 -10.94
CA CYS A 142 7.24 5.61 -9.93
C CYS A 142 7.44 4.09 -9.88
N TRP A 143 7.45 3.56 -8.66
CA TRP A 143 7.59 2.13 -8.43
C TRP A 143 6.50 1.63 -7.46
N VAL A 144 6.06 0.39 -7.67
CA VAL A 144 5.06 -0.29 -6.83
C VAL A 144 5.70 -1.56 -6.30
N THR A 145 5.61 -1.82 -4.99
CA THR A 145 6.24 -3.02 -4.43
C THR A 145 5.23 -3.90 -3.67
N GLY A 146 5.59 -5.16 -3.43
CA GLY A 146 4.75 -6.06 -2.68
C GLY A 146 5.06 -7.52 -2.85
N TRP A 147 4.34 -8.39 -2.13
CA TRP A 147 4.50 -9.84 -2.18
C TRP A 147 3.25 -10.52 -2.79
N GLY A 148 2.49 -9.80 -3.60
CA GLY A 148 1.25 -10.28 -4.16
C GLY A 148 1.42 -11.20 -5.35
N PHE A 149 0.29 -11.61 -5.93
CA PHE A 149 0.27 -12.55 -7.06
C PHE A 149 1.14 -12.06 -8.22
N SER A 150 2.01 -12.93 -8.75
CA SER A 150 2.85 -12.60 -9.91
C SER A 150 2.05 -12.67 -11.25
N LYS A 151 0.80 -13.15 -11.19
CA LYS A 151 -0.16 -13.24 -12.30
C LYS A 151 -1.58 -13.34 -11.73
N GLU A 152 -2.59 -12.96 -12.52
CA GLU A 152 -3.98 -13.03 -12.12
C GLU A 152 -4.38 -14.44 -11.66
N LYS A 153 -5.03 -14.54 -10.49
CA LYS A 153 -5.40 -15.81 -9.89
C LYS A 153 -4.16 -16.65 -9.46
N GLY A 154 -3.01 -16.00 -9.31
CA GLY A 154 -1.75 -16.64 -8.93
C GLY A 154 -1.58 -16.88 -7.44
N GLU A 155 -0.35 -16.74 -6.94
CA GLU A 155 -0.07 -17.00 -5.52
C GLU A 155 0.93 -16.00 -4.94
N ILE A 156 0.91 -15.85 -3.59
CA ILE A 156 1.78 -14.97 -2.83
C ILE A 156 3.26 -15.25 -3.04
N GLN A 157 4.00 -14.22 -3.49
CA GLN A 157 5.43 -14.32 -3.74
C GLN A 157 6.26 -14.20 -2.47
N ASN A 158 7.34 -14.96 -2.39
CA ASN A 158 8.25 -14.98 -1.26
C ASN A 158 9.15 -13.74 -1.23
N ILE A 159 9.86 -13.45 -2.31
CA ILE A 159 10.77 -12.30 -2.36
C ILE A 159 9.99 -11.06 -2.76
N LEU A 160 10.22 -9.94 -2.05
CA LEU A 160 9.56 -8.67 -2.28
C LEU A 160 9.81 -8.19 -3.69
N GLN A 161 8.75 -8.10 -4.50
CA GLN A 161 8.89 -7.64 -5.87
C GLN A 161 8.85 -6.11 -6.03
N LYS A 162 9.38 -5.59 -7.15
CA LYS A 162 9.34 -4.16 -7.48
C LYS A 162 9.07 -4.02 -8.97
N VAL A 163 8.42 -2.93 -9.39
CA VAL A 163 8.12 -2.72 -10.82
C VAL A 163 7.94 -1.24 -11.18
N ASN A 164 8.49 -0.80 -12.33
CA ASN A 164 8.42 0.61 -12.76
C ASN A 164 7.14 0.80 -13.58
N ILE A 165 6.18 1.59 -13.07
CA ILE A 165 4.89 1.79 -13.74
C ILE A 165 4.58 3.28 -13.92
N PRO A 166 4.28 3.71 -15.16
CA PRO A 166 3.97 5.14 -15.37
C PRO A 166 2.52 5.49 -15.04
N LEU A 167 2.29 6.69 -14.55
CA LEU A 167 0.96 7.13 -14.21
C LEU A 167 0.12 7.49 -15.44
N VAL A 168 -1.20 7.40 -15.31
CA VAL A 168 -2.10 7.81 -16.38
C VAL A 168 -3.06 8.87 -15.83
N THR A 169 -3.53 9.80 -16.67
CA THR A 169 -4.44 10.86 -16.21
C THR A 169 -5.76 10.28 -15.74
N ASN A 170 -6.47 10.99 -14.87
CA ASN A 170 -7.77 10.53 -14.36
C ASN A 170 -8.79 10.38 -15.48
N GLU A 171 -8.73 11.25 -16.52
CA GLU A 171 -9.64 11.16 -17.65
C GLU A 171 -9.32 9.89 -18.46
N GLU A 172 -8.04 9.66 -18.75
CA GLU A 172 -7.59 8.46 -19.46
C GLU A 172 -7.91 7.18 -18.69
N CYS A 173 -7.93 7.25 -17.35
CA CYS A 173 -8.26 6.11 -16.49
C CYS A 173 -9.77 5.89 -16.40
N GLN A 174 -10.57 6.95 -16.48
CA GLN A 174 -12.02 6.89 -16.46
C GLN A 174 -12.52 6.16 -17.69
N LYS A 175 -11.93 6.43 -18.88
CA LYS A 175 -12.30 5.74 -20.12
C LYS A 175 -12.06 4.22 -20.01
N ARG A 176 -11.04 3.81 -19.25
CA ARG A 176 -10.73 2.38 -19.08
C ARG A 176 -11.72 1.68 -18.12
N TYR A 177 -12.36 2.44 -17.21
CA TYR A 177 -13.30 1.88 -16.24
C TYR A 177 -14.64 2.64 -16.29
N GLN A 178 -15.38 2.53 -17.42
CA GLN A 178 -16.63 3.29 -17.59
C GLN A 178 -17.78 2.79 -16.68
N ASP A 179 -17.65 1.61 -16.08
CA ASP A 179 -18.66 1.12 -15.15
C ASP A 179 -18.48 1.65 -13.70
N TYR A 180 -17.36 2.36 -13.43
CA TYR A 180 -17.05 2.92 -12.11
C TYR A 180 -16.76 4.41 -12.19
N LYS A 181 -16.61 5.07 -11.04
CA LYS A 181 -16.28 6.48 -11.00
C LYS A 181 -14.87 6.64 -10.45
N ILE A 182 -13.92 7.06 -11.31
CA ILE A 182 -12.54 7.30 -10.93
C ILE A 182 -12.52 8.71 -10.43
N THR A 183 -12.37 8.90 -9.12
CA THR A 183 -12.41 10.21 -8.51
C THR A 183 -11.02 10.87 -8.44
N GLN A 184 -11.00 12.17 -8.20
CA GLN A 184 -9.80 12.96 -7.97
C GLN A 184 -8.98 12.46 -6.73
N ARG A 185 -9.57 11.56 -5.90
CA ARG A 185 -8.95 10.93 -4.73
C ARG A 185 -8.23 9.59 -5.06
N MET A 186 -8.18 9.23 -6.35
CA MET A 186 -7.50 8.04 -6.87
C MET A 186 -6.42 8.46 -7.88
N VAL A 187 -5.40 7.64 -8.02
CA VAL A 187 -4.36 7.83 -8.99
C VAL A 187 -4.18 6.51 -9.71
N CYS A 188 -4.19 6.54 -11.05
CA CYS A 188 -4.05 5.30 -11.82
C CYS A 188 -2.66 5.16 -12.42
N ALA A 189 -2.18 3.92 -12.56
CA ALA A 189 -0.88 3.66 -13.14
C ALA A 189 -0.86 2.38 -13.98
N GLY A 190 -0.38 2.50 -15.21
CA GLY A 190 -0.27 1.36 -16.11
C GLY A 190 0.39 1.67 -17.44
N TYR A 191 0.40 0.66 -18.31
CA TYR A 191 0.93 0.71 -19.67
C TYR A 191 -0.22 0.30 -20.58
N LYS A 192 -0.29 0.85 -21.81
CA LYS A 192 -1.34 0.45 -22.76
C LYS A 192 -1.29 -1.05 -23.06
N GLU A 193 -0.08 -1.59 -23.16
CA GLU A 193 0.10 -3.02 -23.47
C GLU A 193 -0.03 -3.95 -22.27
N GLY A 194 -0.22 -3.41 -21.06
CA GLY A 194 -0.31 -4.21 -19.85
C GLY A 194 0.98 -4.94 -19.55
N GLY A 195 0.87 -6.03 -18.81
CA GLY A 195 2.03 -6.85 -18.47
C GLY A 195 2.73 -6.47 -17.19
N LYS A 196 2.55 -5.22 -16.74
CA LYS A 196 3.16 -4.75 -15.50
C LYS A 196 2.12 -4.02 -14.66
N ASP A 197 1.77 -4.59 -13.49
CA ASP A 197 0.75 -4.04 -12.61
C ASP A 197 0.83 -4.68 -11.21
N ALA A 198 0.18 -4.07 -10.20
CA ALA A 198 0.06 -4.71 -8.88
C ALA A 198 -1.09 -5.78 -8.99
N CYS A 199 -1.23 -6.67 -7.99
CA CYS A 199 -2.25 -7.73 -7.99
C CYS A 199 -2.72 -8.02 -6.53
N LYS A 200 -3.52 -9.10 -6.30
CA LYS A 200 -3.96 -9.48 -4.95
C LYS A 200 -2.76 -9.73 -4.04
N GLY A 201 -2.76 -9.17 -2.83
CA GLY A 201 -1.65 -9.31 -1.91
C GLY A 201 -0.73 -8.11 -1.88
N ASP A 202 -0.74 -7.30 -2.97
CA ASP A 202 0.00 -6.03 -3.02
C ASP A 202 -0.80 -4.88 -2.38
N SER A 203 -2.12 -5.07 -2.18
CA SER A 203 -3.04 -4.08 -1.63
C SER A 203 -2.56 -3.48 -0.35
N GLY A 204 -2.69 -2.16 -0.26
CA GLY A 204 -2.29 -1.42 0.90
C GLY A 204 -0.82 -1.04 0.91
N GLY A 205 -0.05 -1.63 -0.01
CA GLY A 205 1.36 -1.31 -0.10
C GLY A 205 1.56 0.03 -0.77
N PRO A 206 2.84 0.40 -0.94
CA PRO A 206 3.14 1.72 -1.51
C PRO A 206 3.24 1.83 -3.02
N LEU A 207 2.86 2.99 -3.55
CA LEU A 207 3.11 3.41 -4.93
C LEU A 207 3.98 4.64 -4.65
N VAL A 208 5.30 4.48 -4.74
CA VAL A 208 6.25 5.55 -4.44
C VAL A 208 6.83 6.18 -5.70
N CYS A 209 7.03 7.50 -5.70
CA CYS A 209 7.66 8.15 -6.84
C CYS A 209 8.91 8.91 -6.39
N LYS A 210 9.97 8.87 -7.19
CA LYS A 210 11.19 9.61 -6.85
C LYS A 210 11.04 10.96 -7.50
N HIS A 211 11.00 12.01 -6.69
CA HIS A 211 10.85 13.36 -7.20
C HIS A 211 11.77 14.28 -6.44
N ASN A 212 12.58 15.07 -7.17
CA ASN A 212 13.54 16.02 -6.64
C ASN A 212 14.65 15.37 -5.79
N GLY A 213 15.04 14.17 -6.18
CA GLY A 213 16.08 13.41 -5.49
C GLY A 213 15.64 12.54 -4.33
N MET A 214 14.39 12.71 -3.84
CA MET A 214 13.93 11.92 -2.70
C MET A 214 12.64 11.12 -2.98
N TRP A 215 12.45 10.01 -2.29
CA TRP A 215 11.25 9.18 -2.46
C TRP A 215 10.05 9.76 -1.71
N ARG A 216 8.88 9.70 -2.34
CA ARG A 216 7.65 10.19 -1.72
C ARG A 216 6.51 9.19 -1.89
N LEU A 217 5.63 9.06 -0.89
CA LEU A 217 4.50 8.14 -0.99
C LEU A 217 3.36 8.78 -1.78
N VAL A 218 3.14 8.31 -3.01
CA VAL A 218 2.12 8.91 -3.87
C VAL A 218 0.77 8.19 -3.82
N GLY A 219 0.80 6.88 -3.77
CA GLY A 219 -0.43 6.11 -3.74
C GLY A 219 -0.39 4.93 -2.79
N ILE A 220 -1.56 4.43 -2.45
CA ILE A 220 -1.73 3.21 -1.66
C ILE A 220 -2.42 2.23 -2.60
N THR A 221 -1.80 1.08 -2.86
CA THR A 221 -2.32 0.07 -3.78
C THR A 221 -3.74 -0.35 -3.42
N SER A 222 -4.70 -0.18 -4.32
CA SER A 222 -6.09 -0.47 -4.00
C SER A 222 -6.73 -1.53 -4.91
N TRP A 223 -6.91 -1.27 -6.22
CA TRP A 223 -7.66 -2.20 -7.07
C TRP A 223 -7.33 -2.16 -8.54
N GLY A 224 -7.78 -3.18 -9.23
CA GLY A 224 -7.66 -3.29 -10.67
C GLY A 224 -8.63 -4.31 -11.20
N GLU A 225 -9.02 -4.18 -12.47
CA GLU A 225 -9.88 -5.20 -13.09
C GLU A 225 -8.91 -6.33 -13.44
N GLY A 226 -8.84 -7.32 -12.57
CA GLY A 226 -7.86 -8.39 -12.74
C GLY A 226 -6.48 -7.85 -12.44
N CYS A 227 -5.45 -8.29 -13.18
CA CYS A 227 -4.08 -7.80 -12.96
C CYS A 227 -3.35 -7.78 -14.29
N ALA A 228 -2.72 -6.64 -14.59
CA ALA A 228 -1.87 -6.38 -15.76
C ALA A 228 -2.56 -6.56 -17.11
N ARG A 229 -3.89 -6.58 -17.15
CA ARG A 229 -4.62 -6.69 -18.43
C ARG A 229 -4.34 -5.47 -19.29
N ARG A 230 -4.32 -5.63 -20.63
CA ARG A 230 -4.03 -4.51 -21.52
C ARG A 230 -5.09 -3.43 -21.39
N GLU A 231 -4.65 -2.17 -21.46
CA GLU A 231 -5.45 -0.95 -21.31
C GLU A 231 -6.27 -0.91 -20.02
N GLN A 232 -5.83 -1.65 -18.98
CA GLN A 232 -6.51 -1.67 -17.68
C GLN A 232 -5.53 -1.26 -16.57
N PRO A 233 -5.41 0.04 -16.31
CA PRO A 233 -4.43 0.50 -15.29
C PRO A 233 -4.83 0.24 -13.85
N GLY A 234 -3.84 0.11 -13.00
CA GLY A 234 -4.07 -0.10 -11.57
C GLY A 234 -4.55 1.17 -10.89
N VAL A 235 -5.53 1.06 -10.02
CA VAL A 235 -6.08 2.21 -9.29
C VAL A 235 -5.47 2.21 -7.89
N TYR A 236 -5.03 3.37 -7.45
CA TYR A 236 -4.35 3.61 -6.16
C TYR A 236 -5.03 4.73 -5.43
N THR A 237 -5.10 4.66 -4.09
CA THR A 237 -5.64 5.80 -3.31
C THR A 237 -4.59 6.88 -3.34
N LYS A 238 -4.92 8.08 -3.82
CA LYS A 238 -3.98 9.19 -3.92
C LYS A 238 -3.73 9.86 -2.55
N VAL A 239 -2.55 9.59 -1.95
CA VAL A 239 -2.17 10.03 -0.62
C VAL A 239 -2.27 11.53 -0.44
N ALA A 240 -1.84 12.34 -1.43
CA ALA A 240 -1.93 13.78 -1.35
C ALA A 240 -3.35 14.27 -1.01
N GLU A 241 -4.37 13.66 -1.61
CA GLU A 241 -5.77 13.99 -1.35
C GLU A 241 -6.27 13.60 0.06
N TYR A 242 -5.47 12.82 0.81
CA TYR A 242 -5.82 12.44 2.18
C TYR A 242 -4.84 13.04 3.21
N MET A 243 -3.95 13.97 2.82
CA MET A 243 -2.97 14.49 3.77
C MET A 243 -3.59 15.19 4.96
N ASP A 244 -4.67 15.95 4.77
CA ASP A 244 -5.38 16.63 5.85
C ASP A 244 -5.94 15.60 6.83
N TRP A 245 -6.45 14.46 6.32
CA TRP A 245 -7.01 13.35 7.09
C TRP A 245 -5.91 12.63 7.88
N ILE A 246 -4.76 12.34 7.23
CA ILE A 246 -3.64 11.64 7.89
C ILE A 246 -3.09 12.50 9.01
N LEU A 247 -2.93 13.82 8.75
CA LEU A 247 -2.43 14.73 9.76
C LEU A 247 -3.39 14.85 10.90
N GLU A 248 -4.69 14.96 10.62
CA GLU A 248 -5.70 15.00 11.69
C GLU A 248 -5.72 13.72 12.52
N LYS A 249 -5.73 12.55 11.90
CA LYS A 249 -5.83 11.28 12.62
C LYS A 249 -4.57 10.86 13.36
N THR A 250 -3.37 11.29 12.93
CA THR A 250 -2.14 10.89 13.61
C THR A 250 -1.84 11.76 14.87
N GLN A 251 -2.61 12.81 15.12
CA GLN A 251 -2.49 13.61 16.34
C GLN A 251 -2.82 12.72 17.56
N SER A 252 -2.04 12.87 18.64
CA SER A 252 -2.01 12.04 19.84
C SER A 252 -3.35 11.65 20.52
N SER A 253 -4.50 12.29 20.21
CA SER A 253 -5.79 11.96 20.85
C SER A 253 -5.90 12.56 22.26
N ASP A 254 -4.82 12.49 23.04
CA ASP A 254 -4.81 13.10 24.37
C ASP A 254 -4.78 14.65 24.30
N GLY A 255 -4.34 15.20 23.17
CA GLY A 255 -4.30 16.65 23.01
C GLY A 255 -2.97 17.31 23.31
N LYS A 256 -2.79 18.56 22.82
CA LYS A 256 -1.55 19.32 23.03
C LYS A 256 -1.64 20.40 24.12
C24 UNL B . -11.64 -1.19 -4.92
C28 UNL B . -13.33 -2.83 -4.63
C25 UNL B . -12.25 -0.74 -6.07
C27 UNL B . -13.96 -2.38 -5.76
C16 UNL B . -4.43 -4.28 -8.91
C15 UNL B . -5.30 -5.33 -8.97
C7 UNL B . -9.73 -4.19 -4.04
C8 UNL B . -9.58 -5.57 -4.13
C23 UNL B . -12.17 -2.23 -4.20
C26 UNL B . -13.41 -1.34 -6.49
C17 UNL B . -4.16 -3.74 -7.67
C18 UNL B . -4.74 -4.27 -6.55
C4 UNL B . -10.70 -6.09 -3.44
C13 UNL B . -5.61 -5.33 -6.71
C33 UNL B . -13.55 3.13 -8.80
C34 UNL B . -14.51 2.83 -7.91
C32 UNL B . -12.74 2.09 -9.36
C31 UNL B . -12.95 0.83 -8.99
C35 UNL B . -14.73 1.44 -7.49
C9 UNL B . -8.49 -6.26 -4.76
C21 UNL B . -3.64 -1.58 -8.29
C1 UNL B . -12.42 -7.81 -5.06
C22 UNL B . -11.46 -2.71 -3.00
C29 UNL B . -14.11 -0.88 -7.73
C12 UNL B . -6.23 -5.93 -5.50
C3 UNL B . -11.06 -7.51 -3.24
N14 UNL B . -5.92 -5.86 -7.91
N5 UNL B . -11.49 -5.13 -2.96
N6 UNL B . -10.88 -4.00 -3.34
N30 UNL B . -13.90 0.50 -8.06
N11 UNL B . -7.54 -5.40 -5.27
O36 UNL B . -15.60 1.16 -6.68
O10 UNL B . -8.40 -7.48 -4.79
O20 UNL B . -3.27 -2.69 -7.47
O2 UNL B . -11.18 -8.20 -4.47
F19 UNL B . -4.46 -3.78 -5.32
O1 MES C . 2.69 12.37 9.63
C2 MES C . 2.03 12.28 10.89
C3 MES C . 3.00 11.99 12.00
N4 MES C . 3.75 10.73 11.72
C5 MES C . 4.40 10.81 10.36
C6 MES C . 3.37 11.15 9.32
C7 MES C . 4.80 10.46 12.76
C8 MES C . 4.23 10.07 14.09
S MES C . 5.38 8.94 14.83
O1S MES C . 5.31 9.18 16.26
O2S MES C . 4.92 7.61 14.48
O3S MES C . 6.68 9.24 14.26
C1 NAG D . 14.52 -13.96 -7.33
C2 NAG D . 14.91 -14.35 -8.75
C3 NAG D . 14.97 -15.85 -9.07
C4 NAG D . 14.72 -16.73 -7.83
C5 NAG D . 15.39 -16.18 -6.58
C6 NAG D . 16.85 -16.60 -6.44
C7 NAG D . 14.55 -13.12 -10.84
C8 NAG D . 13.54 -12.47 -11.75
N2 NAG D . 14.07 -13.67 -9.72
O3 NAG D . 16.22 -16.17 -9.67
O4 NAG D . 13.33 -16.92 -7.62
O5 NAG D . 15.37 -14.73 -6.47
O6 NAG D . 17.50 -15.95 -5.34
O7 NAG D . 15.75 -13.15 -11.13
#